data_7MMX
#
_entry.id   7MMX
#
_cell.length_a   107.500
_cell.length_b   49.660
_cell.length_c   92.410
_cell.angle_alpha   90.000
_cell.angle_beta   93.830
_cell.angle_gamma   90.000
#
_symmetry.space_group_name_H-M   'C 1 2 1'
#
loop_
_entity.id
_entity.type
_entity.pdbx_description
1 polymer 'Propanediol utilization protein PduA'
2 non-polymer 'SULFATE ION'
3 water water
#
_entity_poly.entity_id   1
_entity_poly.type   'polypeptide(L)'
_entity_poly.pdbx_seq_one_letter_code
;MHHHHHHMNSEALGMIETKGLVGSIEAADAMVDAANVTLIGKEHVGGGLVTVLVRGDVGAVKAATDAGAAAAQRVGELVS
VHVIPRPHIEVETILPHSK
;
_entity_poly.pdbx_strand_id   A,B,C,D,E,F
#
# COMPACT_ATOMS: atom_id res chain seq x y z
N SER A 10 3.48 -25.56 13.65
CA SER A 10 3.46 -24.86 12.36
C SER A 10 2.87 -23.45 12.44
N GLU A 11 3.70 -22.47 12.84
CA GLU A 11 3.30 -21.08 12.94
C GLU A 11 2.92 -20.50 11.55
N ALA A 12 2.04 -19.52 11.52
CA ALA A 12 1.65 -18.86 10.28
C ALA A 12 2.85 -18.13 9.67
N LEU A 13 2.84 -17.95 8.35
CA LEU A 13 3.91 -17.29 7.64
C LEU A 13 3.33 -16.09 6.92
N GLY A 14 3.97 -14.95 7.08
CA GLY A 14 3.55 -13.73 6.41
C GLY A 14 4.67 -13.25 5.52
N MET A 15 4.34 -12.71 4.35
CA MET A 15 5.37 -12.26 3.41
C MET A 15 4.95 -11.01 2.70
N ILE A 16 5.91 -10.12 2.48
CA ILE A 16 5.66 -8.90 1.70
C ILE A 16 6.81 -8.81 0.71
N GLU A 17 6.48 -8.60 -0.56
CA GLU A 17 7.49 -8.45 -1.59
C GLU A 17 7.40 -7.07 -2.16
N THR A 18 8.54 -6.41 -2.30
CA THR A 18 8.58 -5.07 -2.86
C THR A 18 9.62 -4.99 -3.99
N LYS A 19 9.49 -3.97 -4.83
CA LYS A 19 10.55 -3.63 -5.74
C LYS A 19 11.43 -2.55 -5.17
N GLY A 20 12.54 -2.95 -4.57
CA GLY A 20 13.40 -2.04 -3.84
C GLY A 20 13.51 -2.45 -2.38
N LEU A 21 14.67 -2.22 -1.79
CA LEU A 21 14.94 -2.55 -0.41
C LEU A 21 14.22 -1.64 0.61
N VAL A 22 14.09 -0.33 0.32
CA VAL A 22 13.48 0.60 1.28
C VAL A 22 12.07 0.19 1.69
N GLY A 23 11.23 -0.16 0.72
CA GLY A 23 9.89 -0.66 0.98
C GLY A 23 9.87 -1.88 1.88
N SER A 24 10.85 -2.78 1.72
CA SER A 24 10.94 -3.99 2.56
C SER A 24 11.44 -3.71 3.98
N ILE A 25 12.39 -2.77 4.15
CA ILE A 25 12.83 -2.43 5.49
C ILE A 25 11.69 -1.74 6.25
N GLU A 26 10.96 -0.83 5.59
CA GLU A 26 9.80 -0.18 6.19
C GLU A 26 8.69 -1.22 6.49
N ALA A 27 8.48 -2.18 5.59
CA ALA A 27 7.49 -3.24 5.85
C ALA A 27 7.88 -4.05 7.08
N ALA A 28 9.17 -4.43 7.22
CA ALA A 28 9.63 -5.21 8.37
C ALA A 28 9.42 -4.44 9.67
N ASP A 29 9.75 -3.14 9.67
CA ASP A 29 9.55 -2.34 10.89
C ASP A 29 8.09 -2.22 11.25
N ALA A 30 7.23 -2.00 10.25
CA ALA A 30 5.79 -1.87 10.52
C ALA A 30 5.19 -3.22 10.98
N MET A 31 5.71 -4.35 10.48
CA MET A 31 5.23 -5.68 10.87
C MET A 31 5.52 -5.98 12.34
N VAL A 32 6.77 -5.76 12.79
CA VAL A 32 7.12 -6.01 14.19
C VAL A 32 6.47 -4.96 15.12
N ASP A 33 6.19 -3.75 14.62
CA ASP A 33 5.51 -2.73 15.38
C ASP A 33 4.03 -3.12 15.61
N ALA A 34 3.39 -3.72 14.60
CA ALA A 34 1.96 -4.03 14.68
C ALA A 34 1.60 -5.24 15.53
N ALA A 35 2.47 -6.24 15.62
CA ALA A 35 2.12 -7.48 16.32
C ALA A 35 3.37 -8.28 16.75
N ASN A 36 3.20 -9.26 17.65
CA ASN A 36 4.30 -10.07 18.14
C ASN A 36 4.65 -11.15 17.11
N VAL A 37 5.45 -10.78 16.13
CA VAL A 37 5.87 -11.72 15.10
C VAL A 37 7.42 -11.79 15.07
N THR A 38 7.94 -12.89 14.54
CA THR A 38 9.38 -13.05 14.42
C THR A 38 9.76 -12.72 13.00
N LEU A 39 10.74 -11.84 12.81
CA LEU A 39 11.21 -11.52 11.49
C LEU A 39 12.20 -12.63 11.09
N ILE A 40 11.81 -13.46 10.11
CA ILE A 40 12.65 -14.56 9.65
C ILE A 40 13.86 -14.09 8.87
N GLY A 41 13.64 -13.10 8.03
CA GLY A 41 14.71 -12.51 7.25
C GLY A 41 14.21 -11.84 6.00
N LYS A 42 15.14 -11.42 5.19
CA LYS A 42 14.83 -10.83 3.89
C LYS A 42 15.58 -11.56 2.81
N GLU A 43 14.99 -11.62 1.63
CA GLU A 43 15.59 -12.32 0.52
C GLU A 43 15.60 -11.41 -0.69
N HIS A 44 16.72 -11.42 -1.41
CA HIS A 44 16.86 -10.65 -2.65
C HIS A 44 16.83 -11.67 -3.76
N VAL A 45 15.88 -11.58 -4.73
CA VAL A 45 15.86 -12.56 -5.84
C VAL A 45 16.27 -12.00 -7.17
N GLY A 46 16.85 -10.82 -7.20
CA GLY A 46 17.24 -10.18 -8.44
C GLY A 46 16.11 -9.35 -9.01
N GLY A 47 16.41 -8.58 -10.05
CA GLY A 47 15.44 -7.72 -10.71
C GLY A 47 14.85 -6.64 -9.82
N GLY A 48 15.52 -6.37 -8.69
CA GLY A 48 15.07 -5.38 -7.73
C GLY A 48 14.09 -5.91 -6.70
N LEU A 49 13.64 -7.17 -6.84
CA LEU A 49 12.63 -7.72 -5.92
C LEU A 49 13.21 -8.19 -4.58
N VAL A 50 12.58 -7.76 -3.48
CA VAL A 50 13.01 -8.09 -2.12
C VAL A 50 11.79 -8.58 -1.36
N THR A 51 11.94 -9.68 -0.60
CA THR A 51 10.82 -10.20 0.20
C THR A 51 11.22 -10.23 1.68
N VAL A 52 10.33 -9.82 2.57
CA VAL A 52 10.57 -9.92 4.00
C VAL A 52 9.53 -10.89 4.54
N LEU A 53 9.96 -11.80 5.42
CA LEU A 53 9.08 -12.86 5.91
C LEU A 53 9.01 -12.84 7.41
N VAL A 54 7.82 -13.12 7.96
CA VAL A 54 7.59 -13.17 9.40
C VAL A 54 6.85 -14.46 9.77
N ARG A 55 6.96 -14.87 11.05
CA ARG A 55 6.26 -16.06 11.57
C ARG A 55 5.61 -15.65 12.88
N GLY A 56 4.54 -16.33 13.23
CA GLY A 56 3.84 -16.09 14.49
C GLY A 56 2.47 -16.75 14.47
N ASP A 57 1.64 -16.43 15.48
CA ASP A 57 0.26 -16.95 15.48
C ASP A 57 -0.50 -16.28 14.32
N VAL A 58 -1.50 -16.96 13.75
CA VAL A 58 -2.24 -16.46 12.57
C VAL A 58 -2.73 -15.03 12.72
N GLY A 59 -3.38 -14.74 13.84
CA GLY A 59 -3.91 -13.39 14.08
C GLY A 59 -2.83 -12.32 14.06
N ALA A 60 -1.68 -12.62 14.67
CA ALA A 60 -0.56 -11.68 14.70
C ALA A 60 0.04 -11.51 13.33
N VAL A 61 0.16 -12.60 12.57
CA VAL A 61 0.72 -12.53 11.22
C VAL A 61 -0.17 -11.75 10.28
N LYS A 62 -1.50 -11.92 10.37
CA LYS A 62 -2.42 -11.15 9.53
C LYS A 62 -2.32 -9.67 9.86
N ALA A 63 -2.32 -9.31 11.16
CA ALA A 63 -2.20 -7.90 11.54
C ALA A 63 -0.86 -7.32 11.08
N ALA A 64 0.25 -8.06 11.28
CA ALA A 64 1.56 -7.59 10.89
C ALA A 64 1.66 -7.39 9.39
N THR A 65 1.21 -8.38 8.57
CA THR A 65 1.32 -8.24 7.11
C THR A 65 0.46 -7.13 6.58
N ASP A 66 -0.74 -6.89 7.17
CA ASP A 66 -1.60 -5.79 6.72
C ASP A 66 -0.88 -4.46 6.98
N ALA A 67 -0.25 -4.32 8.16
CA ALA A 67 0.46 -3.10 8.48
C ALA A 67 1.70 -2.92 7.61
N GLY A 68 2.40 -4.01 7.35
CA GLY A 68 3.61 -3.95 6.52
C GLY A 68 3.31 -3.61 5.08
N ALA A 69 2.21 -4.14 4.53
CA ALA A 69 1.82 -3.85 3.14
C ALA A 69 1.49 -2.37 2.99
N ALA A 70 0.70 -1.81 3.93
CA ALA A 70 0.33 -0.41 3.89
C ALA A 70 1.56 0.49 4.04
N ALA A 71 2.50 0.10 4.92
CA ALA A 71 3.72 0.90 5.11
C ALA A 71 4.64 0.87 3.92
N ALA A 72 4.81 -0.29 3.30
CA ALA A 72 5.66 -0.42 2.13
C ALA A 72 5.10 0.37 0.94
N GLN A 73 3.79 0.34 0.76
CA GLN A 73 3.16 1.07 -0.34
C GLN A 73 3.35 2.57 -0.22
N ARG A 74 3.45 3.10 1.00
CA ARG A 74 3.67 4.54 1.16
C ARG A 74 5.06 5.02 0.77
N VAL A 75 6.08 4.17 0.90
CA VAL A 75 7.47 4.61 0.64
C VAL A 75 8.11 4.00 -0.58
N GLY A 76 7.56 2.91 -1.09
CA GLY A 76 8.13 2.23 -2.23
C GLY A 76 7.10 1.54 -3.09
N GLU A 77 7.52 0.46 -3.75
CA GLU A 77 6.67 -0.24 -4.68
C GLU A 77 6.29 -1.59 -4.10
N LEU A 78 5.03 -1.76 -3.71
CA LEU A 78 4.55 -3.02 -3.19
C LEU A 78 4.26 -3.93 -4.36
N VAL A 79 4.70 -5.19 -4.30
CA VAL A 79 4.49 -6.14 -5.37
C VAL A 79 3.50 -7.23 -4.92
N SER A 80 3.74 -7.84 -3.76
CA SER A 80 2.86 -8.91 -3.27
C SER A 80 2.73 -8.88 -1.75
N VAL A 81 1.64 -9.44 -1.24
CA VAL A 81 1.43 -9.55 0.20
C VAL A 81 0.60 -10.79 0.40
N HIS A 82 1.07 -11.69 1.27
CA HIS A 82 0.36 -12.96 1.45
C HIS A 82 0.60 -13.54 2.81
N VAL A 83 -0.39 -14.29 3.31
CA VAL A 83 -0.30 -15.00 4.58
C VAL A 83 -0.62 -16.45 4.31
N ILE A 84 0.20 -17.38 4.83
CA ILE A 84 -0.12 -18.79 4.78
C ILE A 84 -0.39 -19.16 6.26
N PRO A 85 -1.66 -19.33 6.66
CA PRO A 85 -1.95 -19.60 8.09
C PRO A 85 -1.33 -20.85 8.68
N ARG A 86 -1.26 -21.93 7.91
CA ARG A 86 -0.70 -23.19 8.42
C ARG A 86 0.19 -23.80 7.34
N PRO A 87 1.43 -23.31 7.21
CA PRO A 87 2.32 -23.85 6.17
C PRO A 87 2.74 -25.27 6.41
N HIS A 88 2.94 -26.03 5.32
CA HIS A 88 3.42 -27.39 5.45
C HIS A 88 4.89 -27.38 5.86
N ILE A 89 5.29 -28.33 6.74
CA ILE A 89 6.64 -28.43 7.27
C ILE A 89 7.69 -28.46 6.17
N GLU A 90 7.39 -29.07 4.99
CA GLU A 90 8.33 -29.13 3.87
C GLU A 90 8.76 -27.76 3.39
N VAL A 91 7.87 -26.75 3.50
CA VAL A 91 8.14 -25.38 3.04
C VAL A 91 9.29 -24.74 3.83
N GLU A 92 9.51 -25.17 5.10
CA GLU A 92 10.63 -24.66 5.91
C GLU A 92 11.98 -24.87 5.21
N THR A 93 12.09 -25.92 4.36
CA THR A 93 13.33 -26.21 3.65
C THR A 93 13.71 -25.15 2.59
N ILE A 94 12.77 -24.29 2.17
CA ILE A 94 13.08 -23.22 1.23
C ILE A 94 12.98 -21.81 1.85
N LEU A 95 12.75 -21.73 3.18
CA LEU A 95 12.65 -20.44 3.84
C LEU A 95 14.04 -19.95 4.28
N GLU B 11 19.32 4.55 17.35
CA GLU B 11 19.44 5.72 16.48
C GLU B 11 18.45 5.64 15.34
N ALA B 12 18.07 6.81 14.78
CA ALA B 12 17.20 6.88 13.61
C ALA B 12 17.93 6.30 12.40
N LEU B 13 17.17 5.82 11.42
CA LEU B 13 17.72 5.22 10.23
C LEU B 13 17.20 6.01 9.04
N GLY B 14 18.10 6.42 8.15
CA GLY B 14 17.72 7.12 6.95
C GLY B 14 18.13 6.29 5.75
N MET B 15 17.30 6.27 4.69
CA MET B 15 17.63 5.46 3.53
C MET B 15 17.24 6.17 2.28
N ILE B 16 18.08 6.03 1.23
CA ILE B 16 17.77 6.59 -0.07
C ILE B 16 18.05 5.49 -1.08
N GLU B 17 17.07 5.16 -1.90
CA GLU B 17 17.23 4.13 -2.91
C GLU B 17 17.17 4.77 -4.27
N THR B 18 18.10 4.41 -5.15
CA THR B 18 18.14 4.96 -6.49
C THR B 18 18.27 3.84 -7.51
N LYS B 19 17.94 4.13 -8.76
CA LYS B 19 18.27 3.27 -9.86
C LYS B 19 19.59 3.69 -10.50
N GLY B 20 20.66 3.00 -10.15
CA GLY B 20 22.00 3.37 -10.57
C GLY B 20 22.85 3.72 -9.36
N LEU B 21 24.15 3.45 -9.44
CA LEU B 21 25.09 3.76 -8.38
C LEU B 21 25.40 5.25 -8.27
N VAL B 22 25.47 5.97 -9.39
CA VAL B 22 25.83 7.39 -9.37
C VAL B 22 24.90 8.24 -8.46
N GLY B 23 23.60 7.99 -8.56
CA GLY B 23 22.63 8.68 -7.71
C GLY B 23 22.84 8.40 -6.24
N SER B 24 23.26 7.17 -5.91
CA SER B 24 23.52 6.76 -4.52
C SER B 24 24.82 7.34 -3.97
N ILE B 25 25.86 7.45 -4.80
CA ILE B 25 27.12 8.05 -4.36
C ILE B 25 26.89 9.54 -4.08
N GLU B 26 26.14 10.22 -4.96
CA GLU B 26 25.79 11.62 -4.75
C GLU B 26 24.89 11.78 -3.52
N ALA B 27 23.91 10.87 -3.32
CA ALA B 27 23.06 10.93 -2.13
C ALA B 27 23.91 10.78 -0.86
N ALA B 28 24.84 9.83 -0.83
CA ALA B 28 25.67 9.60 0.35
C ALA B 28 26.54 10.82 0.65
N ASP B 29 27.14 11.43 -0.38
CA ASP B 29 27.96 12.63 -0.18
C ASP B 29 27.13 13.79 0.35
N ALA B 30 25.93 14.01 -0.22
CA ALA B 30 25.08 15.11 0.22
C ALA B 30 24.56 14.87 1.65
N MET B 31 24.32 13.59 2.03
CA MET B 31 23.85 13.28 3.38
C MET B 31 24.91 13.61 4.45
N VAL B 32 26.15 13.14 4.27
CA VAL B 32 27.24 13.42 5.22
C VAL B 32 27.60 14.93 5.21
N ASP B 33 27.41 15.61 4.07
CA ASP B 33 27.68 17.05 3.99
C ASP B 33 26.63 17.84 4.77
N ALA B 34 25.36 17.41 4.72
CA ALA B 34 24.27 18.15 5.37
C ALA B 34 24.18 18.00 6.89
N ALA B 35 24.57 16.84 7.44
CA ALA B 35 24.41 16.63 8.89
C ALA B 35 25.36 15.56 9.44
N ASN B 36 25.52 15.51 10.76
CA ASN B 36 26.42 14.57 11.40
C ASN B 36 25.73 13.20 11.51
N VAL B 37 25.78 12.44 10.42
CA VAL B 37 25.21 11.10 10.38
C VAL B 37 26.33 10.11 10.02
N THR B 38 26.13 8.83 10.36
CA THR B 38 27.10 7.81 10.05
C THR B 38 26.62 7.10 8.80
N LEU B 39 27.46 7.03 7.76
CA LEU B 39 27.11 6.34 6.54
C LEU B 39 27.39 4.87 6.82
N ILE B 40 26.33 4.06 6.90
CA ILE B 40 26.47 2.64 7.20
C ILE B 40 27.06 1.89 6.01
N GLY B 41 26.55 2.19 4.84
CA GLY B 41 27.02 1.57 3.62
C GLY B 41 25.96 1.55 2.55
N LYS B 42 26.15 0.69 1.57
CA LYS B 42 25.24 0.56 0.47
C LYS B 42 24.87 -0.88 0.20
N GLU B 43 23.70 -1.08 -0.37
CA GLU B 43 23.20 -2.40 -0.70
C GLU B 43 22.72 -2.42 -2.13
N HIS B 44 23.06 -3.48 -2.86
CA HIS B 44 22.62 -3.66 -4.23
C HIS B 44 21.59 -4.79 -4.17
N VAL B 45 20.36 -4.57 -4.68
CA VAL B 45 19.35 -5.64 -4.68
C VAL B 45 19.02 -6.17 -6.05
N GLY B 46 19.83 -5.87 -7.05
CA GLY B 46 19.56 -6.30 -8.40
C GLY B 46 18.69 -5.30 -9.15
N GLY B 47 18.60 -5.47 -10.45
CA GLY B 47 17.79 -4.61 -11.30
C GLY B 47 18.25 -3.17 -11.34
N GLY B 48 19.49 -2.92 -10.96
CA GLY B 48 20.06 -1.58 -10.94
C GLY B 48 19.75 -0.80 -9.67
N LEU B 49 18.96 -1.37 -8.74
CA LEU B 49 18.59 -0.64 -7.51
C LEU B 49 19.68 -0.68 -6.45
N VAL B 50 20.00 0.49 -5.90
CA VAL B 50 21.06 0.66 -4.90
C VAL B 50 20.50 1.48 -3.75
N THR B 51 20.75 1.07 -2.50
CA THR B 51 20.28 1.84 -1.34
C THR B 51 21.46 2.26 -0.50
N VAL B 52 21.47 3.50 -0.01
CA VAL B 52 22.50 3.98 0.89
C VAL B 52 21.80 4.26 2.23
N LEU B 53 22.42 3.87 3.33
CA LEU B 53 21.79 3.99 4.64
C LEU B 53 22.65 4.76 5.56
N VAL B 54 22.01 5.58 6.40
CA VAL B 54 22.70 6.38 7.40
C VAL B 54 22.01 6.19 8.77
N ARG B 55 22.78 6.43 9.84
CA ARG B 55 22.25 6.36 11.19
C ARG B 55 22.66 7.64 11.91
N GLY B 56 21.86 8.04 12.88
CA GLY B 56 22.16 9.23 13.66
C GLY B 56 20.96 9.68 14.46
N ASP B 57 21.05 10.87 15.09
CA ASP B 57 19.89 11.41 15.80
C ASP B 57 18.81 11.77 14.74
N VAL B 58 17.54 11.70 15.14
CA VAL B 58 16.41 11.92 14.21
C VAL B 58 16.53 13.21 13.41
N GLY B 59 16.85 14.32 14.06
CA GLY B 59 16.98 15.60 13.38
C GLY B 59 18.03 15.59 12.30
N ALA B 60 19.20 14.99 12.62
CA ALA B 60 20.30 14.90 11.67
C ALA B 60 19.93 14.00 10.50
N VAL B 61 19.27 12.86 10.78
CA VAL B 61 18.88 11.93 9.73
C VAL B 61 17.85 12.54 8.79
N LYS B 62 16.89 13.30 9.33
CA LYS B 62 15.89 13.96 8.47
C LYS B 62 16.56 15.00 7.58
N ALA B 63 17.45 15.83 8.14
CA ALA B 63 18.15 16.83 7.33
C ALA B 63 19.02 16.14 6.25
N ALA B 64 19.74 15.08 6.63
CA ALA B 64 20.62 14.39 5.71
C ALA B 64 19.82 13.75 4.58
N THR B 65 18.72 13.03 4.89
CA THR B 65 17.94 12.36 3.86
C THR B 65 17.28 13.36 2.93
N ASP B 66 16.78 14.49 3.44
CA ASP B 66 16.18 15.52 2.57
C ASP B 66 17.23 16.04 1.57
N ALA B 67 18.44 16.35 2.06
CA ALA B 67 19.52 16.81 1.17
C ALA B 67 19.95 15.73 0.17
N GLY B 68 20.04 14.48 0.62
CA GLY B 68 20.45 13.37 -0.23
C GLY B 68 19.46 13.07 -1.33
N ALA B 69 18.16 13.13 -1.01
CA ALA B 69 17.13 12.87 -1.99
C ALA B 69 17.16 13.92 -3.11
N ALA B 70 17.28 15.20 -2.75
CA ALA B 70 17.33 16.27 -3.74
C ALA B 70 18.58 16.14 -4.62
N ALA B 71 19.72 15.78 -4.01
CA ALA B 71 20.97 15.62 -4.76
C ALA B 71 20.94 14.43 -5.73
N ALA B 72 20.37 13.30 -5.27
CA ALA B 72 20.27 12.09 -6.09
C ALA B 72 19.38 12.33 -7.30
N GLN B 73 18.28 13.06 -7.11
CA GLN B 73 17.34 13.34 -8.20
C GLN B 73 18.00 14.15 -9.31
N ARG B 74 18.99 15.00 -9.00
CA ARG B 74 19.65 15.81 -10.02
C ARG B 74 20.56 15.01 -10.94
N VAL B 75 21.19 13.92 -10.43
CA VAL B 75 22.14 13.18 -11.26
C VAL B 75 21.65 11.79 -11.69
N GLY B 76 20.66 11.24 -11.00
CA GLY B 76 20.15 9.93 -11.30
C GLY B 76 18.66 9.79 -11.07
N GLU B 77 18.24 8.56 -10.82
CA GLU B 77 16.84 8.26 -10.66
C GLU B 77 16.55 7.91 -9.22
N LEU B 78 15.81 8.76 -8.53
CA LEU B 78 15.47 8.54 -7.15
C LEU B 78 14.28 7.58 -7.12
N VAL B 79 14.34 6.53 -6.31
CA VAL B 79 13.28 5.55 -6.20
C VAL B 79 12.53 5.74 -4.88
N SER B 80 13.25 5.77 -3.76
CA SER B 80 12.61 5.93 -2.45
C SER B 80 13.48 6.76 -1.51
N VAL B 81 12.83 7.41 -0.54
CA VAL B 81 13.55 8.13 0.49
C VAL B 81 12.71 7.98 1.75
N HIS B 82 13.33 7.52 2.84
CA HIS B 82 12.55 7.29 4.06
C HIS B 82 13.39 7.41 5.28
N VAL B 83 12.75 7.82 6.40
CA VAL B 83 13.40 7.90 7.70
C VAL B 83 12.56 7.07 8.68
N ILE B 84 13.22 6.23 9.47
CA ILE B 84 12.56 5.52 10.55
C ILE B 84 13.17 6.10 11.81
N PRO B 85 12.43 6.96 12.54
CA PRO B 85 13.02 7.61 13.72
C PRO B 85 13.50 6.68 14.84
N ARG B 86 12.73 5.62 15.12
CA ARG B 86 13.08 4.72 16.21
C ARG B 86 12.88 3.28 15.74
N PRO B 87 13.83 2.74 14.96
CA PRO B 87 13.64 1.39 14.42
C PRO B 87 13.52 0.33 15.50
N HIS B 88 12.65 -0.69 15.32
CA HIS B 88 12.54 -1.77 16.29
C HIS B 88 13.82 -2.57 16.25
N ILE B 89 14.26 -3.10 17.42
CA ILE B 89 15.53 -3.82 17.49
C ILE B 89 15.59 -4.99 16.50
N GLU B 90 14.46 -5.64 16.22
CA GLU B 90 14.41 -6.76 15.28
C GLU B 90 14.85 -6.37 13.88
N VAL B 91 14.56 -5.13 13.46
CA VAL B 91 14.92 -4.65 12.12
C VAL B 91 16.44 -4.55 11.90
N GLU B 92 17.20 -4.34 12.99
CA GLU B 92 18.67 -4.30 12.91
C GLU B 92 19.22 -5.60 12.35
N THR B 93 18.53 -6.73 12.56
CA THR B 93 18.98 -8.04 12.09
C THR B 93 18.93 -8.20 10.57
N ILE B 94 18.23 -7.30 9.86
CA ILE B 94 18.22 -7.35 8.39
C ILE B 94 18.93 -6.15 7.75
N LEU B 95 19.53 -5.25 8.55
CA LEU B 95 20.24 -4.10 8.01
C LEU B 95 21.73 -4.39 7.84
N PRO B 96 22.44 -3.65 6.97
CA PRO B 96 23.90 -3.72 7.01
C PRO B 96 24.37 -2.95 8.27
N HIS B 97 25.57 -3.25 8.78
CA HIS B 97 26.10 -2.53 9.96
C HIS B 97 27.53 -2.06 9.69
N SER B 98 27.98 -1.03 10.43
CA SER B 98 29.35 -0.51 10.24
C SER B 98 30.42 -1.53 10.66
N HIS C 3 33.39 14.38 6.46
CA HIS C 3 34.76 14.75 6.73
C HIS C 3 35.51 14.89 5.40
N HIS C 4 36.00 16.09 5.09
CA HIS C 4 36.76 16.30 3.85
C HIS C 4 38.19 15.69 3.90
N HIS C 5 38.86 15.52 2.74
CA HIS C 5 40.22 14.97 2.72
C HIS C 5 41.24 16.02 3.22
N HIS C 6 41.11 17.25 2.73
CA HIS C 6 41.92 18.38 3.17
C HIS C 6 41.00 19.41 3.86
N HIS C 7 41.58 20.32 4.64
CA HIS C 7 40.80 21.29 5.39
C HIS C 7 41.45 22.68 5.28
N GLU C 11 40.75 14.48 -3.27
CA GLU C 11 40.69 14.94 -4.67
C GLU C 11 39.27 14.81 -5.23
N ALA C 12 38.97 15.55 -6.30
CA ALA C 12 37.65 15.51 -6.91
C ALA C 12 37.36 14.12 -7.47
N LEU C 13 36.08 13.76 -7.53
CA LEU C 13 35.67 12.45 -8.00
C LEU C 13 34.79 12.65 -9.23
N GLY C 14 35.09 11.90 -10.29
CA GLY C 14 34.30 11.94 -11.50
C GLY C 14 33.69 10.56 -11.71
N MET C 15 32.46 10.49 -12.19
CA MET C 15 31.80 9.20 -12.39
C MET C 15 30.93 9.22 -13.61
N ILE C 16 30.93 8.09 -14.33
CA ILE C 16 30.08 7.93 -15.50
C ILE C 16 29.42 6.56 -15.32
N GLU C 17 28.12 6.53 -15.47
CA GLU C 17 27.37 5.28 -15.34
C GLU C 17 26.75 4.99 -16.68
N THR C 18 26.85 3.74 -17.13
CA THR C 18 26.28 3.34 -18.40
C THR C 18 25.47 2.06 -18.23
N LYS C 19 24.60 1.80 -19.19
CA LYS C 19 23.98 0.50 -19.31
C LYS C 19 24.74 -0.39 -20.25
N GLY C 20 25.56 -1.28 -19.72
CA GLY C 20 26.46 -2.10 -20.52
C GLY C 20 27.92 -1.74 -20.22
N LEU C 21 28.79 -2.73 -20.31
CA LEU C 21 30.22 -2.53 -20.05
C LEU C 21 30.93 -1.74 -21.15
N VAL C 22 30.55 -1.94 -22.44
CA VAL C 22 31.27 -1.26 -23.54
C VAL C 22 31.32 0.27 -23.39
N GLY C 23 30.19 0.87 -23.07
CA GLY C 23 30.11 2.32 -22.85
C GLY C 23 31.00 2.77 -21.72
N SER C 24 31.14 1.93 -20.66
CA SER C 24 32.01 2.26 -19.52
C SER C 24 33.49 2.12 -19.84
N ILE C 25 33.87 1.11 -20.64
CA ILE C 25 35.28 0.97 -21.04
C ILE C 25 35.68 2.14 -21.93
N GLU C 26 34.80 2.52 -22.86
CA GLU C 26 35.07 3.68 -23.72
C GLU C 26 35.11 4.96 -22.89
N ALA C 27 34.21 5.11 -21.92
CA ALA C 27 34.23 6.31 -21.05
C ALA C 27 35.53 6.37 -20.27
N ALA C 28 35.98 5.25 -19.69
CA ALA C 28 37.23 5.21 -18.92
C ALA C 28 38.41 5.57 -19.76
N ASP C 29 38.50 5.02 -21.00
CA ASP C 29 39.60 5.35 -21.88
C ASP C 29 39.61 6.83 -22.24
N ALA C 30 38.43 7.38 -22.60
CA ALA C 30 38.36 8.79 -22.96
C ALA C 30 38.69 9.71 -21.78
N MET C 31 38.32 9.32 -20.57
CA MET C 31 38.58 10.12 -19.38
C MET C 31 40.09 10.24 -19.09
N VAL C 32 40.80 9.11 -19.03
CA VAL C 32 42.24 9.12 -18.79
C VAL C 32 43.01 9.77 -19.94
N ASP C 33 42.48 9.70 -21.17
CA ASP C 33 43.10 10.34 -22.33
C ASP C 33 42.94 11.85 -22.27
N ALA C 34 41.79 12.33 -21.79
CA ALA C 34 41.50 13.77 -21.80
C ALA C 34 42.23 14.58 -20.77
N ALA C 35 42.53 14.01 -19.60
CA ALA C 35 43.14 14.80 -18.53
C ALA C 35 43.90 13.94 -17.52
N ASN C 36 44.72 14.58 -16.67
CA ASN C 36 45.52 13.92 -15.65
C ASN C 36 44.65 13.42 -14.51
N VAL C 37 43.98 12.31 -14.70
CA VAL C 37 43.12 11.71 -13.69
C VAL C 37 43.53 10.25 -13.46
N THR C 38 43.21 9.71 -12.29
CA THR C 38 43.50 8.33 -11.98
C THR C 38 42.22 7.54 -12.11
N LEU C 39 42.23 6.41 -12.84
CA LEU C 39 41.06 5.54 -12.92
C LEU C 39 41.01 4.69 -11.65
N ILE C 40 40.01 4.92 -10.79
CA ILE C 40 39.86 4.22 -9.51
C ILE C 40 39.34 2.83 -9.65
N GLY C 41 38.44 2.64 -10.59
CA GLY C 41 37.89 1.32 -10.84
C GLY C 41 36.49 1.37 -11.41
N LYS C 42 35.85 0.21 -11.47
CA LYS C 42 34.50 0.10 -11.97
C LYS C 42 33.65 -0.71 -11.03
N GLU C 43 32.35 -0.42 -11.03
CA GLU C 43 31.41 -1.12 -10.17
C GLU C 43 30.22 -1.59 -11.00
N HIS C 44 29.80 -2.82 -10.76
CA HIS C 44 28.63 -3.39 -11.42
C HIS C 44 27.56 -3.45 -10.33
N VAL C 45 26.38 -2.84 -10.54
CA VAL C 45 25.30 -2.91 -9.54
C VAL C 45 24.12 -3.76 -9.96
N GLY C 46 24.26 -4.54 -11.03
CA GLY C 46 23.15 -5.34 -11.52
C GLY C 46 22.29 -4.55 -12.49
N GLY C 47 21.37 -5.25 -13.15
CA GLY C 47 20.49 -4.62 -14.12
C GLY C 47 21.20 -4.06 -15.35
N GLY C 48 22.45 -4.45 -15.54
CA GLY C 48 23.28 -4.01 -16.66
C GLY C 48 24.02 -2.70 -16.38
N LEU C 49 23.80 -2.08 -15.21
CA LEU C 49 24.43 -0.79 -14.92
C LEU C 49 25.87 -0.92 -14.42
N VAL C 50 26.77 -0.12 -15.01
CA VAL C 50 28.19 -0.15 -14.71
C VAL C 50 28.66 1.29 -14.49
N THR C 51 29.45 1.53 -13.44
CA THR C 51 29.97 2.88 -13.19
C THR C 51 31.48 2.85 -13.19
N VAL C 52 32.12 3.85 -13.83
CA VAL C 52 33.57 3.98 -13.81
C VAL C 52 33.88 5.27 -13.10
N LEU C 53 34.90 5.26 -12.24
CA LEU C 53 35.21 6.41 -11.40
C LEU C 53 36.64 6.86 -11.57
N VAL C 54 36.86 8.15 -11.53
CA VAL C 54 38.19 8.75 -11.62
C VAL C 54 38.42 9.76 -10.50
N ARG C 55 39.69 10.04 -10.17
CA ARG C 55 40.05 11.02 -9.15
C ARG C 55 41.11 11.94 -9.73
N GLY C 56 41.16 13.17 -9.26
CA GLY C 56 42.17 14.15 -9.65
C GLY C 56 41.77 15.55 -9.24
N ASP C 57 42.48 16.57 -9.72
CA ASP C 57 42.10 17.96 -9.40
C ASP C 57 40.76 18.25 -10.11
N VAL C 58 39.98 19.16 -9.57
CA VAL C 58 38.62 19.43 -10.09
C VAL C 58 38.60 19.78 -11.59
N GLY C 59 39.52 20.63 -12.06
CA GLY C 59 39.57 20.98 -13.47
C GLY C 59 39.82 19.78 -14.37
N ALA C 60 40.74 18.91 -13.96
CA ALA C 60 41.03 17.69 -14.71
C ALA C 60 39.84 16.72 -14.70
N VAL C 61 39.17 16.59 -13.54
CA VAL C 61 38.02 15.69 -13.44
C VAL C 61 36.85 16.18 -14.30
N LYS C 62 36.62 17.49 -14.36
CA LYS C 62 35.55 18.05 -15.20
C LYS C 62 35.86 17.80 -16.67
N ALA C 63 37.11 18.04 -17.10
CA ALA C 63 37.50 17.79 -18.50
C ALA C 63 37.37 16.29 -18.84
N ALA C 64 37.82 15.42 -17.94
CA ALA C 64 37.77 13.99 -18.17
C ALA C 64 36.33 13.49 -18.25
N THR C 65 35.44 13.92 -17.32
CA THR C 65 34.06 13.44 -17.35
C THR C 65 33.32 13.95 -18.56
N ASP C 66 33.58 15.20 -19.01
CA ASP C 66 32.93 15.70 -20.22
C ASP C 66 33.32 14.83 -21.43
N ALA C 67 34.62 14.49 -21.55
CA ALA C 67 35.09 13.65 -22.65
C ALA C 67 34.54 12.23 -22.55
N GLY C 68 34.47 11.69 -21.34
CA GLY C 68 33.97 10.33 -21.14
C GLY C 68 32.48 10.20 -21.39
N ALA C 69 31.71 11.23 -21.02
CA ALA C 69 30.24 11.21 -21.25
C ALA C 69 29.96 11.23 -22.77
N ALA C 70 30.66 12.10 -23.52
CA ALA C 70 30.47 12.18 -24.97
C ALA C 70 30.88 10.86 -25.63
N ALA C 71 32.00 10.26 -25.18
CA ALA C 71 32.49 9.01 -25.78
C ALA C 71 31.57 7.84 -25.49
N ALA C 72 31.04 7.74 -24.27
CA ALA C 72 30.14 6.65 -23.89
C ALA C 72 28.84 6.72 -24.68
N GLN C 73 28.32 7.93 -24.89
CA GLN C 73 27.06 8.11 -25.62
C GLN C 73 27.17 7.65 -27.07
N ARG C 74 28.37 7.74 -27.67
CA ARG C 74 28.57 7.32 -29.06
C ARG C 74 28.56 5.82 -29.25
N VAL C 75 29.00 5.03 -28.24
CA VAL C 75 29.09 3.58 -28.41
C VAL C 75 28.11 2.78 -27.60
N GLY C 76 27.53 3.37 -26.56
CA GLY C 76 26.61 2.67 -25.70
C GLY C 76 25.53 3.54 -25.13
N GLU C 77 25.02 3.17 -23.96
CA GLU C 77 23.93 3.88 -23.34
C GLU C 77 24.43 4.60 -22.11
N LEU C 78 24.47 5.93 -22.17
CA LEU C 78 24.91 6.74 -21.05
C LEU C 78 23.72 6.87 -20.10
N VAL C 79 23.93 6.68 -18.80
CA VAL C 79 22.88 6.81 -17.82
C VAL C 79 23.10 8.07 -16.96
N SER C 80 24.30 8.23 -16.37
CA SER C 80 24.57 9.38 -15.53
C SER C 80 26.00 9.86 -15.68
N VAL C 81 26.24 11.12 -15.38
CA VAL C 81 27.57 11.71 -15.38
C VAL C 81 27.58 12.74 -14.26
N HIS C 82 28.62 12.70 -13.42
CA HIS C 82 28.66 13.62 -12.27
C HIS C 82 30.07 13.84 -11.78
N VAL C 83 30.31 15.03 -11.21
CA VAL C 83 31.59 15.38 -10.60
C VAL C 83 31.29 15.85 -9.18
N ILE C 84 32.04 15.35 -8.20
CA ILE C 84 31.94 15.83 -6.84
C ILE C 84 33.30 16.47 -6.57
N PRO C 85 33.37 17.80 -6.54
CA PRO C 85 34.68 18.46 -6.36
C PRO C 85 35.42 18.13 -5.07
N ARG C 86 34.71 18.00 -3.94
CA ARG C 86 35.37 17.75 -2.66
C ARG C 86 34.62 16.64 -1.89
N PRO C 87 34.78 15.37 -2.27
CA PRO C 87 34.00 14.32 -1.63
C PRO C 87 34.37 14.05 -0.20
N HIS C 88 33.38 13.72 0.63
CA HIS C 88 33.66 13.40 2.01
C HIS C 88 34.35 12.01 2.06
N ILE C 89 35.35 11.85 2.94
CA ILE C 89 36.11 10.61 3.10
C ILE C 89 35.20 9.41 3.36
N GLU C 90 34.07 9.60 4.05
CA GLU C 90 33.08 8.54 4.34
C GLU C 90 32.53 7.90 3.08
N VAL C 91 32.45 8.66 1.99
CA VAL C 91 31.96 8.15 0.71
C VAL C 91 32.88 7.05 0.15
N GLU C 92 34.18 7.05 0.53
CA GLU C 92 35.12 5.99 0.11
C GLU C 92 34.62 4.60 0.53
N THR C 93 33.83 4.51 1.61
CA THR C 93 33.31 3.23 2.07
C THR C 93 32.30 2.59 1.09
N ILE C 94 31.72 3.37 0.16
CA ILE C 94 30.82 2.80 -0.84
C ILE C 94 31.38 2.86 -2.28
N LEU C 95 32.64 3.28 -2.45
CA LEU C 95 33.25 3.35 -3.78
C LEU C 95 33.91 2.02 -4.12
N SER D 10 7.77 18.59 -1.08
CA SER D 10 6.35 18.54 -0.77
C SER D 10 5.56 18.15 -2.02
N GLU D 11 5.36 16.83 -2.24
CA GLU D 11 4.66 16.28 -3.41
C GLU D 11 3.23 16.78 -3.47
N ALA D 12 2.67 16.84 -4.68
CA ALA D 12 1.27 17.24 -4.87
C ALA D 12 0.33 16.25 -4.20
N LEU D 13 -0.85 16.71 -3.82
CA LEU D 13 -1.82 15.88 -3.14
C LEU D 13 -3.08 15.86 -3.98
N GLY D 14 -3.63 14.68 -4.21
CA GLY D 14 -4.87 14.53 -4.95
C GLY D 14 -5.91 13.90 -4.04
N MET D 15 -7.17 14.32 -4.15
CA MET D 15 -8.22 13.77 -3.30
C MET D 15 -9.50 13.60 -4.06
N ILE D 16 -10.21 12.52 -3.76
CA ILE D 16 -11.52 12.30 -4.32
C ILE D 16 -12.42 11.91 -3.15
N GLU D 17 -13.56 12.58 -3.03
CA GLU D 17 -14.51 12.27 -1.98
C GLU D 17 -15.78 11.76 -2.61
N THR D 18 -16.30 10.67 -2.07
CA THR D 18 -17.53 10.09 -2.59
C THR D 18 -18.52 9.86 -1.44
N LYS D 19 -19.80 9.73 -1.79
CA LYS D 19 -20.77 9.23 -0.85
C LYS D 19 -20.96 7.74 -1.00
N GLY D 20 -20.26 6.96 -0.17
CA GLY D 20 -20.23 5.51 -0.29
C GLY D 20 -18.81 5.03 -0.52
N LEU D 21 -18.49 3.83 -0.01
CA LEU D 21 -17.16 3.24 -0.11
C LEU D 21 -16.82 2.72 -1.51
N VAL D 22 -17.80 2.14 -2.21
CA VAL D 22 -17.53 1.55 -3.54
C VAL D 22 -16.94 2.56 -4.53
N GLY D 23 -17.50 3.76 -4.58
CA GLY D 23 -16.99 4.81 -5.44
C GLY D 23 -15.54 5.17 -5.10
N SER D 24 -15.18 5.13 -3.81
CA SER D 24 -13.82 5.45 -3.38
C SER D 24 -12.81 4.32 -3.68
N ILE D 25 -13.24 3.06 -3.56
CA ILE D 25 -12.35 1.94 -3.91
C ILE D 25 -12.08 1.96 -5.41
N GLU D 26 -13.13 2.19 -6.21
CA GLU D 26 -12.96 2.28 -7.66
C GLU D 26 -12.10 3.52 -8.02
N ALA D 27 -12.29 4.66 -7.33
CA ALA D 27 -11.45 5.84 -7.57
C ALA D 27 -9.98 5.53 -7.28
N ALA D 28 -9.69 4.85 -6.15
CA ALA D 28 -8.31 4.51 -5.78
C ALA D 28 -7.66 3.61 -6.82
N ASP D 29 -8.38 2.59 -7.29
CA ASP D 29 -7.84 1.70 -8.33
C ASP D 29 -7.58 2.44 -9.62
N ALA D 30 -8.52 3.30 -10.06
CA ALA D 30 -8.34 4.03 -11.31
C ALA D 30 -7.20 5.05 -11.21
N MET D 31 -6.98 5.62 -10.00
CA MET D 31 -5.90 6.59 -9.79
C MET D 31 -4.53 5.95 -9.96
N VAL D 32 -4.30 4.81 -9.28
CA VAL D 32 -3.00 4.13 -9.40
C VAL D 32 -2.81 3.48 -10.79
N ASP D 33 -3.93 3.15 -11.49
CA ASP D 33 -3.86 2.63 -12.84
C ASP D 33 -3.43 3.73 -13.82
N ALA D 34 -3.92 4.96 -13.63
CA ALA D 34 -3.66 6.06 -14.56
C ALA D 34 -2.29 6.68 -14.50
N ALA D 35 -1.67 6.72 -13.30
CA ALA D 35 -0.38 7.40 -13.17
C ALA D 35 0.42 6.90 -11.96
N ASN D 36 1.72 7.25 -11.89
CA ASN D 36 2.60 6.85 -10.84
C ASN D 36 2.35 7.71 -9.61
N VAL D 37 1.33 7.34 -8.84
CA VAL D 37 1.00 8.05 -7.61
C VAL D 37 1.01 7.06 -6.44
N THR D 38 1.18 7.57 -5.23
CA THR D 38 1.16 6.74 -4.04
C THR D 38 -0.19 6.91 -3.38
N LEU D 39 -0.89 5.81 -3.08
CA LEU D 39 -2.16 5.87 -2.39
C LEU D 39 -1.86 6.06 -0.89
N ILE D 40 -2.18 7.23 -0.34
CA ILE D 40 -1.91 7.53 1.07
C ILE D 40 -2.86 6.79 1.99
N GLY D 41 -4.10 6.70 1.58
CA GLY D 41 -5.11 5.99 2.36
C GLY D 41 -6.51 6.52 2.13
N LYS D 42 -7.45 6.00 2.92
CA LYS D 42 -8.83 6.45 2.84
C LYS D 42 -9.31 6.89 4.20
N GLU D 43 -10.24 7.82 4.21
CA GLU D 43 -10.77 8.38 5.45
C GLU D 43 -12.28 8.33 5.39
N HIS D 44 -12.91 7.92 6.49
CA HIS D 44 -14.35 7.90 6.61
C HIS D 44 -14.69 9.03 7.58
N VAL D 45 -15.52 10.01 7.19
CA VAL D 45 -15.87 11.09 8.13
C VAL D 45 -17.29 11.04 8.62
N GLY D 46 -18.01 9.96 8.37
CA GLY D 46 -19.40 9.85 8.77
C GLY D 46 -20.33 10.37 7.70
N GLY D 47 -21.62 10.13 7.87
CA GLY D 47 -22.63 10.54 6.90
C GLY D 47 -22.49 9.90 5.53
N GLY D 48 -21.73 8.80 5.46
CA GLY D 48 -21.51 8.09 4.22
C GLY D 48 -20.34 8.61 3.40
N LEU D 49 -19.71 9.73 3.83
CA LEU D 49 -18.62 10.32 3.05
C LEU D 49 -17.27 9.64 3.24
N VAL D 50 -16.60 9.33 2.13
CA VAL D 50 -15.31 8.63 2.14
C VAL D 50 -14.36 9.38 1.21
N THR D 51 -13.12 9.61 1.63
CA THR D 51 -12.14 10.31 0.80
C THR D 51 -10.92 9.41 0.59
N VAL D 52 -10.40 9.37 -0.63
CA VAL D 52 -9.18 8.64 -0.92
C VAL D 52 -8.14 9.69 -1.35
N LEU D 53 -6.92 9.55 -0.86
CA LEU D 53 -5.88 10.56 -1.13
C LEU D 53 -4.67 9.94 -1.75
N VAL D 54 -4.03 10.65 -2.69
CA VAL D 54 -2.83 10.22 -3.37
C VAL D 54 -1.77 11.31 -3.33
N ARG D 55 -0.49 10.92 -3.50
CA ARG D 55 0.64 11.87 -3.56
C ARG D 55 1.49 11.51 -4.75
N GLY D 56 2.14 12.49 -5.33
CA GLY D 56 3.03 12.29 -6.46
C GLY D 56 3.39 13.62 -7.10
N ASP D 57 4.05 13.58 -8.27
CA ASP D 57 4.35 14.83 -8.98
C ASP D 57 3.01 15.42 -9.47
N VAL D 58 2.93 16.74 -9.63
CA VAL D 58 1.69 17.41 -9.98
C VAL D 58 1.02 16.85 -11.24
N GLY D 59 1.78 16.61 -12.31
CA GLY D 59 1.22 16.06 -13.53
C GLY D 59 0.58 14.70 -13.32
N ALA D 60 1.25 13.82 -12.56
CA ALA D 60 0.75 12.49 -12.26
C ALA D 60 -0.49 12.55 -11.39
N VAL D 61 -0.50 13.48 -10.40
CA VAL D 61 -1.66 13.62 -9.51
C VAL D 61 -2.88 14.15 -10.28
N LYS D 62 -2.69 15.07 -11.20
CA LYS D 62 -3.80 15.60 -12.01
C LYS D 62 -4.35 14.48 -12.90
N ALA D 63 -3.49 13.71 -13.57
CA ALA D 63 -3.97 12.60 -14.41
C ALA D 63 -4.69 11.55 -13.57
N ALA D 64 -4.13 11.20 -12.39
CA ALA D 64 -4.74 10.19 -11.53
C ALA D 64 -6.10 10.66 -11.02
N THR D 65 -6.21 11.90 -10.53
CA THR D 65 -7.48 12.38 -9.99
C THR D 65 -8.53 12.50 -11.06
N ASP D 66 -8.16 12.92 -12.29
CA ASP D 66 -9.15 12.99 -13.38
C ASP D 66 -9.70 11.59 -13.68
N ALA D 67 -8.80 10.57 -13.73
CA ALA D 67 -9.25 9.20 -13.98
C ALA D 67 -10.08 8.65 -12.82
N GLY D 68 -9.69 8.96 -11.59
CA GLY D 68 -10.42 8.49 -10.42
C GLY D 68 -11.81 9.11 -10.31
N ALA D 69 -11.93 10.40 -10.63
CA ALA D 69 -13.22 11.11 -10.57
C ALA D 69 -14.18 10.46 -11.58
N ALA D 70 -13.74 10.24 -12.83
CA ALA D 70 -14.57 9.63 -13.86
C ALA D 70 -14.99 8.23 -13.45
N ALA D 71 -14.07 7.45 -12.88
CA ALA D 71 -14.38 6.08 -12.48
C ALA D 71 -15.37 6.02 -11.31
N ALA D 72 -15.20 6.88 -10.32
CA ALA D 72 -16.08 6.93 -9.17
C ALA D 72 -17.50 7.35 -9.56
N GLN D 73 -17.62 8.32 -10.47
CA GLN D 73 -18.93 8.80 -10.91
C GLN D 73 -19.71 7.70 -11.59
N ARG D 74 -19.05 6.77 -12.29
CA ARG D 74 -19.75 5.69 -12.96
C ARG D 74 -20.37 4.66 -12.03
N VAL D 75 -19.79 4.45 -10.84
CA VAL D 75 -20.27 3.40 -9.93
C VAL D 75 -20.94 3.92 -8.67
N GLY D 76 -20.69 5.16 -8.31
CA GLY D 76 -21.26 5.75 -7.10
C GLY D 76 -21.52 7.23 -7.19
N GLU D 77 -21.47 7.92 -6.06
CA GLU D 77 -21.76 9.34 -6.02
C GLU D 77 -20.50 10.14 -5.75
N LEU D 78 -20.05 10.90 -6.73
CA LEU D 78 -18.87 11.72 -6.59
C LEU D 78 -19.26 13.01 -5.87
N VAL D 79 -18.51 13.40 -4.86
CA VAL D 79 -18.81 14.62 -4.10
C VAL D 79 -17.80 15.73 -4.43
N SER D 80 -16.51 15.43 -4.29
CA SER D 80 -15.46 16.41 -4.55
C SER D 80 -14.25 15.79 -5.23
N VAL D 81 -13.50 16.61 -5.95
CA VAL D 81 -12.25 16.18 -6.58
C VAL D 81 -11.35 17.40 -6.55
N HIS D 82 -10.14 17.25 -6.02
CA HIS D 82 -9.25 18.41 -5.90
C HIS D 82 -7.80 17.99 -5.89
N VAL D 83 -6.93 18.89 -6.39
CA VAL D 83 -5.49 18.72 -6.39
C VAL D 83 -4.87 19.92 -5.71
N ILE D 84 -3.92 19.69 -4.79
CA ILE D 84 -3.16 20.75 -4.17
C ILE D 84 -1.75 20.52 -4.66
N PRO D 85 -1.25 21.34 -5.61
CA PRO D 85 0.09 21.10 -6.17
C PRO D 85 1.26 21.15 -5.17
N ARG D 86 1.20 22.06 -4.20
CA ARG D 86 2.30 22.17 -3.22
C ARG D 86 1.71 22.35 -1.81
N PRO D 87 1.29 21.26 -1.17
CA PRO D 87 0.68 21.40 0.17
C PRO D 87 1.65 21.88 1.24
N HIS D 88 1.18 22.72 2.17
CA HIS D 88 2.03 23.19 3.26
C HIS D 88 2.32 22.03 4.22
N ILE D 89 3.55 21.99 4.77
CA ILE D 89 3.99 20.93 5.67
C ILE D 89 3.04 20.72 6.85
N GLU D 90 2.41 21.79 7.36
CA GLU D 90 1.46 21.66 8.48
C GLU D 90 0.27 20.76 8.16
N VAL D 91 -0.14 20.72 6.88
CA VAL D 91 -1.26 19.90 6.44
C VAL D 91 -0.99 18.40 6.60
N GLU D 92 0.30 17.98 6.58
CA GLU D 92 0.65 16.59 6.80
C GLU D 92 0.12 16.06 8.14
N THR D 93 -0.03 16.95 9.14
CA THR D 93 -0.52 16.57 10.47
C THR D 93 -1.97 16.09 10.46
N ILE D 94 -2.76 16.42 9.42
CA ILE D 94 -4.15 15.96 9.33
C ILE D 94 -4.38 14.97 8.18
N LEU D 95 -3.32 14.53 7.49
CA LEU D 95 -3.45 13.57 6.40
C LEU D 95 -3.40 12.14 6.94
N SER E 10 -3.85 -11.81 -9.32
CA SER E 10 -4.57 -10.75 -8.61
C SER E 10 -6.04 -11.04 -8.80
N GLU E 11 -6.68 -11.73 -7.82
CA GLU E 11 -8.09 -12.11 -7.91
C GLU E 11 -8.99 -10.90 -8.08
N ALA E 12 -10.10 -11.09 -8.80
CA ALA E 12 -11.08 -10.04 -9.00
C ALA E 12 -11.72 -9.66 -7.67
N LEU E 13 -12.22 -8.43 -7.59
CA LEU E 13 -12.86 -7.95 -6.38
C LEU E 13 -14.28 -7.54 -6.75
N GLY E 14 -15.25 -7.99 -5.97
CA GLY E 14 -16.64 -7.66 -6.18
C GLY E 14 -17.15 -6.90 -4.97
N MET E 15 -18.00 -5.89 -5.17
CA MET E 15 -18.50 -5.10 -4.07
C MET E 15 -19.93 -4.72 -4.27
N ILE E 16 -20.72 -4.77 -3.19
CA ILE E 16 -22.10 -4.31 -3.24
C ILE E 16 -22.27 -3.39 -2.04
N GLU E 17 -22.83 -2.22 -2.27
CA GLU E 17 -23.08 -1.26 -1.20
C GLU E 17 -24.55 -1.02 -1.10
N THR E 18 -25.08 -1.04 0.12
CA THR E 18 -26.50 -0.83 0.35
C THR E 18 -26.72 0.22 1.43
N LYS E 19 -27.91 0.81 1.46
CA LYS E 19 -28.32 1.60 2.60
C LYS E 19 -29.11 0.75 3.59
N GLY E 20 -28.42 0.26 4.62
CA GLY E 20 -28.98 -0.67 5.59
C GLY E 20 -28.20 -1.97 5.58
N LEU E 21 -28.11 -2.63 6.75
CA LEU E 21 -27.39 -3.90 6.89
C LEU E 21 -28.12 -5.08 6.25
N VAL E 22 -29.46 -5.11 6.33
CA VAL E 22 -30.24 -6.25 5.79
C VAL E 22 -29.97 -6.51 4.31
N GLY E 23 -29.96 -5.47 3.50
CA GLY E 23 -29.65 -5.60 2.07
C GLY E 23 -28.27 -6.17 1.83
N SER E 24 -27.28 -5.81 2.69
CA SER E 24 -25.91 -6.33 2.58
C SER E 24 -25.77 -7.78 3.02
N ILE E 25 -26.49 -8.19 4.06
CA ILE E 25 -26.47 -9.59 4.51
C ILE E 25 -27.10 -10.46 3.42
N GLU E 26 -28.22 -10.01 2.85
CA GLU E 26 -28.85 -10.76 1.75
C GLU E 26 -27.93 -10.79 0.53
N ALA E 27 -27.25 -9.66 0.23
CA ALA E 27 -26.31 -9.64 -0.90
C ALA E 27 -25.16 -10.65 -0.67
N ALA E 28 -24.59 -10.68 0.54
CA ALA E 28 -23.49 -11.60 0.86
C ALA E 28 -23.94 -13.04 0.70
N ASP E 29 -25.14 -13.40 1.23
CA ASP E 29 -25.64 -14.76 1.10
C ASP E 29 -25.87 -15.13 -0.36
N ALA E 30 -26.47 -14.24 -1.16
CA ALA E 30 -26.72 -14.53 -2.57
C ALA E 30 -25.41 -14.62 -3.36
N MET E 31 -24.37 -13.86 -2.97
CA MET E 31 -23.08 -13.91 -3.66
C MET E 31 -22.39 -15.26 -3.49
N VAL E 32 -22.27 -15.73 -2.25
CA VAL E 32 -21.65 -17.03 -1.98
C VAL E 32 -22.50 -18.18 -2.50
N ASP E 33 -23.83 -18.00 -2.59
CA ASP E 33 -24.72 -19.03 -3.13
C ASP E 33 -24.53 -19.15 -4.65
N ALA E 34 -24.34 -18.02 -5.34
CA ALA E 34 -24.24 -18.01 -6.80
C ALA E 34 -22.93 -18.51 -7.39
N ALA E 35 -21.80 -18.33 -6.67
CA ALA E 35 -20.51 -18.70 -7.23
C ALA E 35 -19.45 -18.94 -6.15
N ASN E 36 -18.34 -19.59 -6.49
CA ASN E 36 -17.27 -19.89 -5.57
C ASN E 36 -16.42 -18.66 -5.32
N VAL E 37 -16.87 -17.79 -4.42
CA VAL E 37 -16.14 -16.57 -4.08
C VAL E 37 -15.88 -16.56 -2.57
N THR E 38 -14.89 -15.79 -2.15
CA THR E 38 -14.57 -15.67 -0.74
C THR E 38 -15.16 -14.37 -0.24
N LEU E 39 -15.92 -14.41 0.85
CA LEU E 39 -16.49 -13.22 1.44
C LEU E 39 -15.38 -12.58 2.29
N ILE E 40 -14.87 -11.42 1.88
CA ILE E 40 -13.78 -10.74 2.58
C ILE E 40 -14.26 -10.08 3.87
N GLY E 41 -15.46 -9.51 3.82
CA GLY E 41 -16.05 -8.89 5.00
C GLY E 41 -16.99 -7.77 4.63
N LYS E 42 -17.40 -7.01 5.65
CA LYS E 42 -18.26 -5.87 5.47
C LYS E 42 -17.69 -4.62 6.10
N GLU E 43 -18.06 -3.47 5.55
CA GLU E 43 -17.59 -2.20 6.05
C GLU E 43 -18.77 -1.26 6.25
N HIS E 44 -18.78 -0.52 7.35
CA HIS E 44 -19.80 0.46 7.62
C HIS E 44 -19.11 1.80 7.45
N VAL E 45 -19.63 2.71 6.60
CA VAL E 45 -19.01 4.05 6.45
C VAL E 45 -19.86 5.18 7.01
N GLY E 46 -20.87 4.86 7.81
CA GLY E 46 -21.76 5.88 8.34
C GLY E 46 -22.89 6.20 7.39
N GLY E 47 -23.85 6.97 7.86
CA GLY E 47 -25.02 7.36 7.06
C GLY E 47 -25.89 6.20 6.63
N GLY E 48 -25.73 5.05 7.29
CA GLY E 48 -26.51 3.86 6.97
C GLY E 48 -25.90 3.02 5.86
N LEU E 49 -24.78 3.46 5.25
CA LEU E 49 -24.17 2.73 4.12
C LEU E 49 -23.29 1.58 4.57
N VAL E 50 -23.50 0.39 3.97
CA VAL E 50 -22.77 -0.82 4.30
C VAL E 50 -22.28 -1.45 2.99
N THR E 51 -21.01 -1.88 2.93
CA THR E 51 -20.47 -2.55 1.74
C THR E 51 -20.04 -3.97 2.09
N VAL E 52 -20.34 -4.94 1.22
CA VAL E 52 -19.85 -6.29 1.40
C VAL E 52 -18.92 -6.57 0.21
N LEU E 53 -17.78 -7.22 0.46
CA LEU E 53 -16.79 -7.44 -0.58
C LEU E 53 -16.45 -8.91 -0.71
N VAL E 54 -16.21 -9.36 -1.95
CA VAL E 54 -15.84 -10.73 -2.25
C VAL E 54 -14.62 -10.76 -3.18
N ARG E 55 -13.89 -11.89 -3.19
CA ARG E 55 -12.74 -12.10 -4.06
C ARG E 55 -12.91 -13.46 -4.74
N GLY E 56 -12.35 -13.58 -5.92
CA GLY E 56 -12.41 -14.83 -6.67
C GLY E 56 -12.01 -14.62 -8.11
N ASP E 57 -12.18 -15.66 -8.95
CA ASP E 57 -11.89 -15.51 -10.37
C ASP E 57 -12.93 -14.53 -10.97
N VAL E 58 -12.57 -13.82 -12.03
CA VAL E 58 -13.43 -12.79 -12.62
C VAL E 58 -14.84 -13.27 -12.94
N GLY E 59 -14.96 -14.43 -13.58
CA GLY E 59 -16.26 -14.99 -13.92
C GLY E 59 -17.12 -15.24 -12.70
N ALA E 60 -16.52 -15.81 -11.66
CA ALA E 60 -17.25 -16.09 -10.42
C ALA E 60 -17.68 -14.80 -9.72
N VAL E 61 -16.79 -13.79 -9.72
CA VAL E 61 -17.11 -12.51 -9.07
C VAL E 61 -18.22 -11.78 -9.81
N LYS E 62 -18.22 -11.82 -11.15
CA LYS E 62 -19.30 -11.18 -11.92
C LYS E 62 -20.63 -11.88 -11.65
N ALA E 63 -20.65 -13.21 -11.65
CA ALA E 63 -21.89 -13.96 -11.37
C ALA E 63 -22.37 -13.68 -9.96
N ALA E 64 -21.45 -13.69 -8.98
CA ALA E 64 -21.83 -13.46 -7.59
C ALA E 64 -22.37 -12.05 -7.40
N THR E 65 -21.69 -11.01 -7.94
CA THR E 65 -22.17 -9.64 -7.74
C THR E 65 -23.50 -9.40 -8.43
N ASP E 66 -23.74 -9.99 -9.62
CA ASP E 66 -25.02 -9.84 -10.30
C ASP E 66 -26.14 -10.43 -9.43
N ALA E 67 -25.91 -11.62 -8.86
CA ALA E 67 -26.90 -12.25 -7.98
C ALA E 67 -27.10 -11.46 -6.69
N GLY E 68 -26.02 -10.95 -6.11
CA GLY E 68 -26.09 -10.19 -4.87
C GLY E 68 -26.82 -8.87 -5.04
N ALA E 69 -26.59 -8.18 -6.18
CA ALA E 69 -27.25 -6.91 -6.46
C ALA E 69 -28.76 -7.11 -6.60
N ALA E 70 -29.19 -8.16 -7.33
CA ALA E 70 -30.60 -8.44 -7.52
C ALA E 70 -31.26 -8.80 -6.21
N ALA E 71 -30.57 -9.57 -5.36
CA ALA E 71 -31.11 -9.99 -4.06
C ALA E 71 -31.22 -8.81 -3.10
N ALA E 72 -30.21 -7.93 -3.06
CA ALA E 72 -30.23 -6.76 -2.18
C ALA E 72 -31.34 -5.80 -2.57
N GLN E 73 -31.57 -5.60 -3.86
CA GLN E 73 -32.62 -4.71 -4.34
C GLN E 73 -34.02 -5.18 -3.93
N ARG E 74 -34.23 -6.49 -3.77
CA ARG E 74 -35.53 -6.99 -3.35
C ARG E 74 -35.85 -6.74 -1.88
N VAL E 75 -34.84 -6.68 -1.01
CA VAL E 75 -35.09 -6.53 0.43
C VAL E 75 -34.70 -5.19 1.02
N GLY E 76 -33.87 -4.44 0.30
CA GLY E 76 -33.41 -3.15 0.79
C GLY E 76 -33.08 -2.16 -0.30
N GLU E 77 -32.18 -1.25 0.00
CA GLU E 77 -31.82 -0.19 -0.93
C GLU E 77 -30.42 -0.42 -1.48
N LEU E 78 -30.32 -0.76 -2.75
CA LEU E 78 -29.04 -0.96 -3.40
C LEU E 78 -28.46 0.40 -3.78
N VAL E 79 -27.21 0.65 -3.43
CA VAL E 79 -26.56 1.91 -3.72
C VAL E 79 -25.56 1.74 -4.87
N SER E 80 -24.65 0.76 -4.78
CA SER E 80 -23.65 0.54 -5.81
C SER E 80 -23.36 -0.94 -5.98
N VAL E 81 -22.90 -1.31 -7.17
CA VAL E 81 -22.48 -2.68 -7.44
C VAL E 81 -21.37 -2.56 -8.45
N HIS E 82 -20.22 -3.18 -8.16
CA HIS E 82 -19.07 -3.03 -9.04
C HIS E 82 -18.13 -4.20 -8.94
N VAL E 83 -17.46 -4.50 -10.04
CA VAL E 83 -16.43 -5.55 -10.11
C VAL E 83 -15.17 -4.90 -10.64
N ILE E 84 -14.03 -5.18 -9.97
CA ILE E 84 -12.74 -4.77 -10.46
C ILE E 84 -12.07 -6.07 -10.84
N PRO E 85 -11.97 -6.38 -12.14
CA PRO E 85 -11.41 -7.69 -12.53
C PRO E 85 -9.96 -7.94 -12.11
N ARG E 86 -9.11 -6.91 -12.18
CA ARG E 86 -7.69 -7.07 -11.85
C ARG E 86 -7.23 -5.90 -10.97
N PRO E 87 -7.57 -5.94 -9.66
CA PRO E 87 -7.23 -4.80 -8.81
C PRO E 87 -5.73 -4.64 -8.61
N HIS E 88 -5.29 -3.38 -8.56
CA HIS E 88 -3.89 -3.07 -8.33
C HIS E 88 -3.56 -3.43 -6.89
N ILE E 89 -2.34 -3.93 -6.64
CA ILE E 89 -1.93 -4.35 -5.30
C ILE E 89 -2.10 -3.24 -4.28
N GLU E 90 -1.92 -1.97 -4.67
CA GLU E 90 -2.06 -0.84 -3.76
C GLU E 90 -3.44 -0.77 -3.13
N VAL E 91 -4.47 -1.21 -3.85
CA VAL E 91 -5.85 -1.17 -3.39
C VAL E 91 -6.07 -2.11 -2.18
N GLU E 92 -5.28 -3.18 -2.07
CA GLU E 92 -5.36 -4.08 -0.90
C GLU E 92 -5.14 -3.32 0.42
N THR E 93 -4.36 -2.23 0.38
CA THR E 93 -4.06 -1.45 1.60
C THR E 93 -5.27 -0.68 2.13
N ILE E 94 -6.33 -0.51 1.33
CA ILE E 94 -7.53 0.16 1.82
C ILE E 94 -8.75 -0.78 1.89
N LEU E 95 -8.57 -2.09 1.68
CA LEU E 95 -9.65 -3.05 1.78
C LEU E 95 -9.79 -3.53 3.21
N PRO E 96 -11.00 -3.95 3.64
CA PRO E 96 -11.12 -4.52 4.99
C PRO E 96 -10.49 -5.93 5.02
N GLU F 11 -29.30 -23.14 10.96
CA GLU F 11 -30.58 -22.56 11.31
C GLU F 11 -30.92 -21.35 10.44
N ALA F 12 -32.22 -21.10 10.25
CA ALA F 12 -32.70 -19.94 9.48
C ALA F 12 -32.32 -18.64 10.20
N LEU F 13 -32.20 -17.57 9.45
CA LEU F 13 -31.84 -16.27 10.00
C LEU F 13 -32.98 -15.29 9.70
N GLY F 14 -33.41 -14.57 10.71
CA GLY F 14 -34.44 -13.55 10.55
C GLY F 14 -33.85 -12.20 10.91
N MET F 15 -34.23 -11.14 10.18
CA MET F 15 -33.67 -9.81 10.43
C MET F 15 -34.72 -8.76 10.26
N ILE F 16 -34.67 -7.75 11.14
CA ILE F 16 -35.55 -6.60 11.04
C ILE F 16 -34.67 -5.39 11.20
N GLU F 17 -34.79 -4.45 10.28
CA GLU F 17 -34.01 -3.21 10.34
C GLU F 17 -34.95 -2.05 10.50
N THR F 18 -34.64 -1.16 11.42
CA THR F 18 -35.46 0.00 11.66
C THR F 18 -34.62 1.28 11.68
N LYS F 19 -35.28 2.43 11.50
CA LYS F 19 -34.64 3.70 11.77
C LYS F 19 -34.94 4.16 13.17
N GLY F 20 -34.01 3.95 14.10
CA GLY F 20 -34.22 4.21 15.51
C GLY F 20 -34.13 2.93 16.30
N LEU F 21 -33.64 3.01 17.53
CA LEU F 21 -33.49 1.87 18.42
C LEU F 21 -34.83 1.34 18.98
N VAL F 22 -35.78 2.22 19.30
CA VAL F 22 -37.06 1.80 19.89
C VAL F 22 -37.81 0.78 19.02
N GLY F 23 -37.87 1.00 17.73
CA GLY F 23 -38.50 0.06 16.81
C GLY F 23 -37.82 -1.29 16.82
N SER F 24 -36.49 -1.32 16.97
CA SER F 24 -35.72 -2.57 17.02
C SER F 24 -35.88 -3.31 18.34
N ILE F 25 -35.98 -2.60 19.46
CA ILE F 25 -36.20 -3.25 20.74
C ILE F 25 -37.60 -3.88 20.75
N GLU F 26 -38.60 -3.15 20.22
CA GLU F 26 -39.95 -3.68 20.15
C GLU F 26 -40.00 -4.87 19.17
N ALA F 27 -39.27 -4.79 18.04
CA ALA F 27 -39.23 -5.91 17.10
C ALA F 27 -38.61 -7.14 17.76
N ALA F 28 -37.50 -6.97 18.49
CA ALA F 28 -36.83 -8.10 19.17
C ALA F 28 -37.74 -8.74 20.19
N ASP F 29 -38.44 -7.93 21.00
CA ASP F 29 -39.35 -8.46 22.00
C ASP F 29 -40.51 -9.22 21.36
N ALA F 30 -41.10 -8.66 20.29
CA ALA F 30 -42.21 -9.33 19.62
C ALA F 30 -41.76 -10.61 18.92
N MET F 31 -40.52 -10.65 18.43
CA MET F 31 -40.00 -11.85 17.75
C MET F 31 -39.85 -13.03 18.73
N VAL F 32 -39.19 -12.80 19.87
CA VAL F 32 -39.01 -13.85 20.87
C VAL F 32 -40.35 -14.24 21.52
N ASP F 33 -41.31 -13.31 21.59
CA ASP F 33 -42.64 -13.60 22.13
C ASP F 33 -43.42 -14.50 21.17
N ALA F 34 -43.30 -14.27 19.86
CA ALA F 34 -44.08 -15.01 18.87
C ALA F 34 -43.64 -16.45 18.62
N ALA F 35 -42.32 -16.73 18.70
CA ALA F 35 -41.84 -18.07 18.38
C ALA F 35 -40.51 -18.41 19.05
N ASN F 36 -40.13 -19.71 19.07
CA ASN F 36 -38.90 -20.25 19.64
C ASN F 36 -37.70 -19.84 18.80
N VAL F 37 -37.24 -18.62 18.95
CA VAL F 37 -36.07 -18.13 18.21
C VAL F 37 -35.04 -17.58 19.21
N THR F 38 -33.77 -17.55 18.79
CA THR F 38 -32.71 -17.03 19.63
C THR F 38 -32.36 -15.64 19.14
N LEU F 39 -32.33 -14.67 20.04
CA LEU F 39 -31.95 -13.30 19.65
C LEU F 39 -30.42 -13.26 19.60
N ILE F 40 -29.86 -13.13 18.41
CA ILE F 40 -28.41 -13.11 18.20
C ILE F 40 -27.76 -11.82 18.62
N GLY F 41 -28.46 -10.72 18.41
CA GLY F 41 -27.97 -9.41 18.81
C GLY F 41 -28.49 -8.30 17.91
N LYS F 42 -27.98 -7.11 18.16
CA LYS F 42 -28.34 -5.95 17.37
C LYS F 42 -27.10 -5.28 16.83
N GLU F 43 -27.27 -4.64 15.68
CA GLU F 43 -26.18 -3.95 15.02
C GLU F 43 -26.59 -2.53 14.70
N HIS F 44 -25.70 -1.59 14.93
CA HIS F 44 -25.92 -0.20 14.60
C HIS F 44 -25.02 0.08 13.40
N VAL F 45 -25.56 0.52 12.25
CA VAL F 45 -24.70 0.80 11.09
C VAL F 45 -24.57 2.28 10.77
N GLY F 46 -25.00 3.15 11.67
CA GLY F 46 -24.95 4.58 11.41
C GLY F 46 -26.20 5.07 10.72
N GLY F 47 -26.35 6.38 10.68
CA GLY F 47 -27.52 7.00 10.05
C GLY F 47 -28.83 6.72 10.74
N GLY F 48 -28.77 6.21 11.97
CA GLY F 48 -29.96 5.89 12.75
C GLY F 48 -30.46 4.48 12.50
N LEU F 49 -29.83 3.71 11.57
CA LEU F 49 -30.30 2.38 11.25
C LEU F 49 -29.82 1.33 12.24
N VAL F 50 -30.75 0.46 12.68
CA VAL F 50 -30.47 -0.57 13.66
C VAL F 50 -31.07 -1.88 13.16
N THR F 51 -30.33 -3.00 13.22
CA THR F 51 -30.86 -4.30 12.80
C THR F 51 -30.84 -5.26 13.99
N VAL F 52 -31.89 -6.05 14.16
CA VAL F 52 -31.94 -7.08 15.18
C VAL F 52 -32.04 -8.41 14.41
N LEU F 53 -31.29 -9.41 14.87
CA LEU F 53 -31.22 -10.69 14.16
C LEU F 53 -31.58 -11.83 15.08
N VAL F 54 -32.30 -12.82 14.53
CA VAL F 54 -32.70 -14.01 15.26
C VAL F 54 -32.33 -15.27 14.46
N ARG F 55 -32.19 -16.41 15.17
CA ARG F 55 -31.92 -17.70 14.54
C ARG F 55 -32.91 -18.71 15.08
N GLY F 56 -33.24 -19.71 14.30
CA GLY F 56 -34.16 -20.78 14.70
C GLY F 56 -34.61 -21.59 13.50
N ASP F 57 -35.59 -22.49 13.69
CA ASP F 57 -36.12 -23.24 12.56
C ASP F 57 -36.87 -22.26 11.63
N VAL F 58 -36.93 -22.55 10.33
CA VAL F 58 -37.53 -21.68 9.32
C VAL F 58 -38.95 -21.20 9.69
N GLY F 59 -39.81 -22.12 10.08
CA GLY F 59 -41.19 -21.79 10.47
C GLY F 59 -41.24 -20.80 11.63
N ALA F 60 -40.40 -21.02 12.64
CA ALA F 60 -40.35 -20.14 13.79
C ALA F 60 -39.79 -18.76 13.42
N VAL F 61 -38.77 -18.73 12.55
CA VAL F 61 -38.19 -17.47 12.13
C VAL F 61 -39.17 -16.65 11.28
N LYS F 62 -39.96 -17.31 10.41
CA LYS F 62 -40.98 -16.59 9.62
C LYS F 62 -42.05 -16.00 10.53
N ALA F 63 -42.54 -16.79 11.51
CA ALA F 63 -43.55 -16.28 12.44
C ALA F 63 -42.99 -15.13 13.28
N ALA F 64 -41.75 -15.27 13.77
CA ALA F 64 -41.14 -14.24 14.60
C ALA F 64 -40.95 -12.96 13.79
N THR F 65 -40.40 -13.04 12.55
CA THR F 65 -40.15 -11.83 11.78
C THR F 65 -41.44 -11.13 11.40
N ASP F 66 -42.51 -11.89 11.08
CA ASP F 66 -43.81 -11.27 10.76
C ASP F 66 -44.32 -10.48 11.98
N ALA F 67 -44.22 -11.07 13.18
CA ALA F 67 -44.66 -10.38 14.40
C ALA F 67 -43.79 -9.17 14.71
N GLY F 68 -42.49 -9.29 14.51
CA GLY F 68 -41.56 -8.21 14.79
C GLY F 68 -41.74 -7.03 13.85
N ALA F 69 -41.99 -7.32 12.57
CA ALA F 69 -42.18 -6.26 11.58
C ALA F 69 -43.45 -5.45 11.90
N ALA F 70 -44.54 -6.13 12.24
CA ALA F 70 -45.80 -5.47 12.61
C ALA F 70 -45.63 -4.63 13.88
N ALA F 71 -44.90 -5.16 14.86
CA ALA F 71 -44.69 -4.45 16.12
C ALA F 71 -43.79 -3.22 15.95
N ALA F 72 -42.72 -3.33 15.15
CA ALA F 72 -41.80 -2.23 14.92
C ALA F 72 -42.51 -1.10 14.18
N GLN F 73 -43.36 -1.43 13.20
CA GLN F 73 -44.07 -0.42 12.44
C GLN F 73 -45.01 0.42 13.30
N ARG F 74 -45.54 -0.15 14.40
CA ARG F 74 -46.43 0.59 15.28
C ARG F 74 -45.73 1.64 16.12
N VAL F 75 -44.46 1.42 16.51
CA VAL F 75 -43.76 2.34 17.40
C VAL F 75 -42.63 3.13 16.76
N GLY F 76 -42.16 2.70 15.61
CA GLY F 76 -41.08 3.39 14.92
C GLY F 76 -41.14 3.26 13.43
N GLU F 77 -39.97 3.32 12.78
CA GLU F 77 -39.88 3.28 11.34
C GLU F 77 -39.26 1.99 10.87
N LEU F 78 -40.04 1.15 10.23
CA LEU F 78 -39.56 -0.12 9.72
C LEU F 78 -38.86 0.13 8.39
N VAL F 79 -37.65 -0.41 8.21
CA VAL F 79 -36.89 -0.24 6.98
C VAL F 79 -36.88 -1.52 6.16
N SER F 80 -36.51 -2.64 6.78
CA SER F 80 -36.44 -3.91 6.06
C SER F 80 -36.85 -5.07 6.96
N VAL F 81 -37.34 -6.15 6.35
CA VAL F 81 -37.65 -7.37 7.08
C VAL F 81 -37.34 -8.52 6.13
N HIS F 82 -36.56 -9.51 6.60
CA HIS F 82 -36.16 -10.60 5.70
C HIS F 82 -35.83 -11.85 6.45
N VAL F 83 -36.03 -13.01 5.80
CA VAL F 83 -35.71 -14.31 6.33
C VAL F 83 -34.82 -15.02 5.31
N ILE F 84 -33.72 -15.61 5.78
CA ILE F 84 -32.87 -16.44 4.94
C ILE F 84 -33.01 -17.82 5.53
N PRO F 85 -33.80 -18.72 4.89
CA PRO F 85 -34.02 -20.06 5.47
C PRO F 85 -32.78 -20.92 5.71
N ARG F 86 -31.82 -20.89 4.80
CA ARG F 86 -30.61 -21.70 4.95
C ARG F 86 -29.38 -20.89 4.62
N PRO F 87 -28.91 -20.05 5.56
CA PRO F 87 -27.76 -19.19 5.25
C PRO F 87 -26.47 -19.94 5.06
N HIS F 88 -25.63 -19.47 4.12
CA HIS F 88 -24.35 -20.11 3.88
C HIS F 88 -23.42 -19.85 5.05
N ILE F 89 -22.57 -20.82 5.39
CA ILE F 89 -21.66 -20.72 6.54
C ILE F 89 -20.78 -19.46 6.49
N GLU F 90 -20.38 -19.01 5.29
CA GLU F 90 -19.56 -17.82 5.12
C GLU F 90 -20.22 -16.58 5.67
N VAL F 91 -21.55 -16.50 5.60
CA VAL F 91 -22.31 -15.35 6.09
C VAL F 91 -22.18 -15.17 7.61
N GLU F 92 -21.93 -16.26 8.36
CA GLU F 92 -21.71 -16.17 9.80
C GLU F 92 -20.58 -15.22 10.15
N THR F 93 -19.58 -15.06 9.25
CA THR F 93 -18.44 -14.18 9.48
C THR F 93 -18.82 -12.69 9.53
N ILE F 94 -20.00 -12.31 9.03
CA ILE F 94 -20.44 -10.91 9.09
C ILE F 94 -21.66 -10.71 10.00
N LEU F 95 -22.11 -11.76 10.70
CA LEU F 95 -23.25 -11.65 11.61
C LEU F 95 -22.81 -11.23 13.01
#